data_4CTB
#
_entry.id   4CTB
#
_cell.length_a   51.886
_cell.length_b   57.486
_cell.length_c   105.414
_cell.angle_alpha   90.00
_cell.angle_beta   90.00
_cell.angle_gamma   90.00
#
_symmetry.space_group_name_H-M   'P 21 21 21'
#
loop_
_entity.id
_entity.type
_entity.pdbx_description
1 polymer 'ALK TYROSINE KINASE RECEPTOR'
2 non-polymer "(5R)-8-amino-3-fluoro-5,19-dimethyl-20-oxo-5,18,19,20-tetrahydro-11,7-(azeno)pyrido[2',1':2,3]imidazo[4,5-h][2,5,11]benzoxadiazacyclotetradecine-14-carbonitrile"
3 water water
#
_entity_poly.entity_id   1
_entity_poly.type   'polypeptide(L)'
_entity_poly.pdbx_seq_one_letter_code
;MAHHHHHHNPNYCFAGKTSSISDLKEVPRKNITLIRGLGHGAFGEVYEGQVSGMPNDPSPLQVAVKTLPEVCSEQDELDF
LMEALIISKFNHQNIVRCIGVSLQSLPRFILLELMAGGDLKSFLRETRPRPSQPSSLAMLDLLHVARDIACGCQYLEENH
FIHRDIAARNCLLTCPGPGRVAKIGDFGMARDIYRASYYRKGGCAMLPVKWMPPEAFMEGIFTSKTDTWSFGVLLWEIFS
LGYMPYPSKSNQEVLEFVTSGGRMDPPKNCPGPVYRIMTQCWQHQPEDRPNFAIILERIEYCTQDPDVINTALPIEYGPL
VEEEEKV
;
_entity_poly.pdbx_strand_id   A
#
loop_
_chem_comp.id
_chem_comp.type
_chem_comp.name
_chem_comp.formula
KVC non-polymer (5R)-8-amino-3-fluoro-5,19-dimethyl-20-oxo-5,18,19,20-tetrahydro-11,7-(azeno)pyrido[2',1':2,3]imidazo[4,5-h][2,5,11]benzoxadiazacyclotetradecine-14-carbonitrile 'C23 H18 F N7 O2'
#
# COMPACT_ATOMS: atom_id res chain seq x y z
N ASN A 9 1.91 -27.41 11.03
CA ASN A 9 1.88 -26.20 10.17
C ASN A 9 0.85 -25.17 10.66
N PRO A 10 1.25 -23.89 10.72
CA PRO A 10 0.41 -22.78 11.16
C PRO A 10 -0.86 -22.57 10.33
N ASN A 11 -1.96 -22.28 11.01
CA ASN A 11 -3.22 -21.97 10.34
C ASN A 11 -3.39 -20.46 10.17
N TYR A 12 -4.22 -20.05 9.22
CA TYR A 12 -4.52 -18.65 9.01
C TYR A 12 -6.02 -18.44 8.91
N CYS A 13 -6.54 -17.43 9.60
CA CYS A 13 -7.97 -17.16 9.56
C CYS A 13 -8.23 -15.78 8.99
N PHE A 14 -9.09 -15.71 7.98
CA PHE A 14 -9.51 -14.45 7.38
C PHE A 14 -11.00 -14.54 7.07
N ALA A 15 -11.75 -13.53 7.52
CA ALA A 15 -13.18 -13.49 7.26
C ALA A 15 -13.86 -14.74 7.79
N GLY A 16 -13.35 -15.27 8.91
CA GLY A 16 -13.98 -16.41 9.55
C GLY A 16 -13.73 -17.75 8.88
N LYS A 17 -12.85 -17.77 7.89
CA LYS A 17 -12.48 -19.01 7.23
C LYS A 17 -11.01 -19.35 7.49
N THR A 18 -10.73 -20.61 7.77
CA THR A 18 -9.39 -21.05 8.09
C THR A 18 -8.72 -21.65 6.87
N SER A 19 -7.44 -21.35 6.70
CA SER A 19 -6.67 -21.93 5.61
C SER A 19 -5.34 -22.46 6.14
N SER A 20 -4.73 -23.35 5.36
CA SER A 20 -3.48 -23.98 5.76
C SER A 20 -2.54 -24.00 4.56
N ILE A 21 -1.27 -24.30 4.80
CA ILE A 21 -0.29 -24.38 3.72
C ILE A 21 -0.79 -25.32 2.63
N SER A 22 -1.61 -26.30 3.02
CA SER A 22 -2.16 -27.24 2.06
C SER A 22 -3.06 -26.55 1.03
N ASP A 23 -3.62 -25.40 1.42
CA ASP A 23 -4.53 -24.67 0.55
C ASP A 23 -3.82 -23.80 -0.50
N LEU A 24 -2.54 -23.54 -0.29
CA LEU A 24 -1.77 -22.74 -1.25
C LEU A 24 -1.60 -23.54 -2.54
N LYS A 25 -1.65 -22.84 -3.66
CA LYS A 25 -1.50 -23.48 -4.96
C LYS A 25 -0.03 -23.64 -5.30
N GLU A 26 0.47 -24.87 -5.21
CA GLU A 26 1.88 -25.15 -5.47
C GLU A 26 2.12 -25.28 -6.97
N VAL A 27 3.00 -24.45 -7.49
CA VAL A 27 3.35 -24.44 -8.90
C VAL A 27 4.66 -25.21 -9.09
N PRO A 28 4.67 -26.21 -9.99
CA PRO A 28 5.90 -26.99 -10.13
C PRO A 28 7.09 -26.11 -10.50
N ARG A 29 8.21 -26.35 -9.83
CA ARG A 29 9.38 -25.48 -9.95
C ARG A 29 9.88 -25.42 -11.40
N LYS A 30 9.74 -26.53 -12.12
CA LYS A 30 10.19 -26.59 -13.51
C LYS A 30 9.39 -25.66 -14.43
N ASN A 31 8.21 -25.26 -13.98
CA ASN A 31 7.36 -24.38 -14.78
C ASN A 31 7.67 -22.90 -14.58
N ILE A 32 8.64 -22.58 -13.73
CA ILE A 32 8.93 -21.20 -13.37
C ILE A 32 10.31 -20.76 -13.85
N THR A 33 10.38 -19.62 -14.51
CA THR A 33 11.64 -19.07 -14.99
C THR A 33 11.84 -17.63 -14.52
N LEU A 34 13.01 -17.35 -13.95
CA LEU A 34 13.38 -16.00 -13.55
C LEU A 34 13.95 -15.24 -14.75
N ILE A 35 13.58 -13.97 -14.87
CA ILE A 35 13.96 -13.17 -16.02
C ILE A 35 14.97 -12.08 -15.66
N ARG A 36 14.67 -11.33 -14.62
CA ARG A 36 15.55 -10.28 -14.14
C ARG A 36 15.16 -9.89 -12.72
N GLY A 37 16.10 -9.30 -11.99
CA GLY A 37 15.79 -8.81 -10.66
C GLY A 37 14.98 -7.52 -10.72
N LEU A 38 14.23 -7.26 -9.65
CA LEU A 38 13.45 -6.03 -9.55
C LEU A 38 13.85 -5.24 -8.30
N GLY A 39 14.24 -5.96 -7.26
CA GLY A 39 14.66 -5.30 -6.03
C GLY A 39 14.95 -6.28 -4.92
N PHE A 43 14.69 -7.78 2.90
CA PHE A 43 14.96 -9.20 3.07
C PHE A 43 14.41 -9.98 1.88
N GLY A 44 15.22 -10.87 1.33
CA GLY A 44 14.81 -11.61 0.15
C GLY A 44 14.80 -10.73 -1.09
N GLU A 45 14.86 -11.36 -2.26
CA GLU A 45 14.88 -10.64 -3.52
C GLU A 45 13.53 -10.73 -4.20
N VAL A 46 13.32 -9.87 -5.19
CA VAL A 46 12.14 -9.97 -6.04
C VAL A 46 12.58 -10.01 -7.50
N TYR A 47 11.98 -10.92 -8.26
CA TYR A 47 12.32 -11.10 -9.66
C TYR A 47 11.09 -10.98 -10.54
N GLU A 48 11.30 -10.56 -11.78
CA GLU A 48 10.29 -10.77 -12.80
C GLU A 48 10.45 -12.21 -13.29
N GLY A 49 9.33 -12.88 -13.50
CA GLY A 49 9.38 -14.27 -13.91
C GLY A 49 8.29 -14.67 -14.88
N GLN A 50 8.37 -15.92 -15.34
CA GLN A 50 7.34 -16.52 -16.19
C GLN A 50 6.93 -17.87 -15.63
N VAL A 51 5.66 -18.22 -15.76
CA VAL A 51 5.19 -19.55 -15.40
C VAL A 51 4.40 -20.17 -16.54
N PRO A 60 2.05 -18.07 -21.71
CA PRO A 60 2.90 -17.93 -20.53
C PRO A 60 2.48 -16.76 -19.64
N LEU A 61 2.43 -17.01 -18.34
CA LEU A 61 1.94 -16.03 -17.39
C LEU A 61 3.10 -15.26 -16.77
N GLN A 62 3.03 -13.94 -16.80
CA GLN A 62 4.10 -13.12 -16.24
C GLN A 62 3.84 -12.83 -14.76
N VAL A 63 4.88 -12.94 -13.96
CA VAL A 63 4.74 -12.89 -12.50
C VAL A 63 5.87 -12.10 -11.88
N ALA A 64 5.65 -11.62 -10.65
CA ALA A 64 6.74 -11.21 -9.79
C ALA A 64 7.01 -12.32 -8.78
N VAL A 65 8.28 -12.59 -8.53
CA VAL A 65 8.68 -13.70 -7.66
C VAL A 65 9.35 -13.18 -6.41
N LYS A 66 8.73 -13.39 -5.25
CA LYS A 66 9.38 -13.11 -3.98
C LYS A 66 10.12 -14.35 -3.53
N THR A 67 11.37 -14.18 -3.11
CA THR A 67 12.15 -15.32 -2.68
C THR A 67 12.45 -15.28 -1.19
N LEU A 68 12.57 -16.46 -0.61
CA LEU A 68 13.00 -16.61 0.77
C LEU A 68 14.47 -17.02 0.76
N PRO A 69 15.33 -16.23 1.41
CA PRO A 69 16.74 -16.66 1.48
C PRO A 69 16.85 -18.05 2.08
N GLU A 70 17.69 -18.89 1.48
CA GLU A 70 17.92 -20.23 2.02
C GLU A 70 18.60 -20.13 3.37
N VAL A 71 19.37 -19.06 3.56
CA VAL A 71 19.98 -18.77 4.85
C VAL A 71 19.04 -17.92 5.68
N CYS A 72 18.12 -18.58 6.38
CA CYS A 72 17.11 -17.89 7.19
C CYS A 72 16.79 -18.69 8.45
N SER A 73 16.15 -18.04 9.40
CA SER A 73 15.72 -18.69 10.63
C SER A 73 14.35 -19.37 10.42
N GLU A 74 13.98 -20.24 11.35
CA GLU A 74 12.68 -20.91 11.27
C GLU A 74 11.55 -19.89 11.33
N GLN A 75 11.81 -18.75 11.98
CA GLN A 75 10.82 -17.69 12.08
C GLN A 75 10.63 -16.99 10.75
N ASP A 76 11.73 -16.79 10.01
CA ASP A 76 11.66 -16.24 8.67
C ASP A 76 10.81 -17.15 7.78
N GLU A 77 10.97 -18.46 7.98
CA GLU A 77 10.21 -19.45 7.23
C GLU A 77 8.72 -19.30 7.51
N LEU A 78 8.37 -19.20 8.79
CA LEU A 78 6.97 -19.08 9.17
C LEU A 78 6.40 -17.76 8.69
N ASP A 79 7.20 -16.70 8.75
CA ASP A 79 6.79 -15.39 8.23
C ASP A 79 6.46 -15.47 6.75
N PHE A 80 7.29 -16.20 6.01
CA PHE A 80 7.13 -16.32 4.56
C PHE A 80 5.84 -17.09 4.25
N LEU A 81 5.64 -18.19 4.97
CA LEU A 81 4.44 -19.00 4.79
C LEU A 81 3.19 -18.17 5.08
N MET A 82 3.25 -17.36 6.13
CA MET A 82 2.08 -16.60 6.54
C MET A 82 1.75 -15.50 5.54
N GLU A 83 2.79 -14.86 5.01
CA GLU A 83 2.58 -13.88 3.95
C GLU A 83 1.86 -14.51 2.76
N ALA A 84 2.26 -15.73 2.41
CA ALA A 84 1.63 -16.46 1.31
C ALA A 84 0.15 -16.72 1.60
N LEU A 85 -0.15 -17.16 2.82
CA LEU A 85 -1.53 -17.46 3.20
C LEU A 85 -2.38 -16.18 3.14
N ILE A 86 -1.83 -15.08 3.68
CA ILE A 86 -2.58 -13.84 3.72
C ILE A 86 -2.97 -13.34 2.33
N ILE A 87 -2.00 -13.23 1.43
CA ILE A 87 -2.30 -12.72 0.11
C ILE A 87 -3.21 -13.66 -0.69
N SER A 88 -2.98 -14.97 -0.58
CA SER A 88 -3.79 -15.92 -1.33
C SER A 88 -5.27 -15.91 -0.91
N LYS A 89 -5.56 -15.51 0.31
CA LYS A 89 -6.94 -15.52 0.79
C LYS A 89 -7.75 -14.28 0.42
N PHE A 90 -7.07 -13.20 0.04
CA PHE A 90 -7.77 -12.01 -0.44
C PHE A 90 -8.35 -12.26 -1.84
N ASN A 91 -9.48 -11.62 -2.12
CA ASN A 91 -10.09 -11.66 -3.44
C ASN A 91 -10.71 -10.31 -3.77
N HIS A 92 -9.90 -9.41 -4.34
CA HIS A 92 -10.37 -8.09 -4.70
C HIS A 92 -9.50 -7.49 -5.79
N GLN A 93 -10.09 -6.70 -6.69
CA GLN A 93 -9.36 -6.20 -7.84
C GLN A 93 -8.26 -5.19 -7.47
N ASN A 94 -8.35 -4.60 -6.28
CA ASN A 94 -7.33 -3.64 -5.87
C ASN A 94 -6.37 -4.19 -4.83
N ILE A 95 -6.28 -5.52 -4.76
CA ILE A 95 -5.24 -6.19 -3.99
C ILE A 95 -4.50 -7.14 -4.91
N VAL A 96 -3.18 -7.07 -4.91
CA VAL A 96 -2.39 -7.89 -5.84
C VAL A 96 -2.75 -9.36 -5.69
N ARG A 97 -2.88 -10.05 -6.81
CA ARG A 97 -3.20 -11.48 -6.82
C ARG A 97 -1.96 -12.32 -6.56
N CYS A 98 -2.17 -13.45 -5.90
CA CYS A 98 -1.15 -14.48 -5.78
C CYS A 98 -1.44 -15.60 -6.79
N ILE A 99 -0.53 -15.80 -7.73
CA ILE A 99 -0.68 -16.84 -8.73
C ILE A 99 -0.46 -18.21 -8.09
N GLY A 100 0.43 -18.25 -7.11
CA GLY A 100 0.68 -19.48 -6.40
C GLY A 100 1.98 -19.39 -5.62
N VAL A 101 2.51 -20.54 -5.23
CA VAL A 101 3.76 -20.58 -4.48
C VAL A 101 4.63 -21.71 -5.01
N SER A 102 5.91 -21.65 -4.68
CA SER A 102 6.80 -22.79 -4.88
C SER A 102 7.56 -23.00 -3.58
N LEU A 103 6.96 -23.74 -2.66
CA LEU A 103 7.54 -23.92 -1.33
C LEU A 103 8.23 -25.27 -1.18
N GLN A 104 8.12 -26.13 -2.20
CA GLN A 104 8.68 -27.47 -2.13
C GLN A 104 10.06 -27.59 -2.79
N SER A 105 10.60 -26.46 -3.19
CA SER A 105 11.99 -26.40 -3.68
C SER A 105 12.64 -25.15 -3.10
N LEU A 106 13.98 -25.15 -3.03
CA LEU A 106 14.73 -24.03 -2.48
C LEU A 106 15.49 -23.29 -3.56
N PRO A 107 15.56 -21.95 -3.46
CA PRO A 107 14.86 -21.14 -2.46
C PRO A 107 13.35 -21.09 -2.70
N ARG A 108 12.58 -20.88 -1.64
CA ARG A 108 11.12 -20.86 -1.73
C ARG A 108 10.62 -19.60 -2.44
N PHE A 109 9.57 -19.77 -3.24
CA PHE A 109 8.99 -18.67 -4.03
C PHE A 109 7.56 -18.37 -3.61
N ILE A 110 7.20 -17.09 -3.61
CA ILE A 110 5.80 -16.67 -3.72
C ILE A 110 5.60 -15.96 -5.04
N LEU A 111 4.58 -16.39 -5.79
CA LEU A 111 4.33 -15.85 -7.12
C LEU A 111 3.19 -14.83 -7.13
N LEU A 112 3.49 -13.59 -7.46
CA LEU A 112 2.50 -12.52 -7.47
C LEU A 112 2.18 -12.00 -8.87
N GLU A 113 0.97 -11.48 -9.03
CA GLU A 113 0.59 -10.66 -10.16
C GLU A 113 1.72 -9.66 -10.48
N LEU A 114 2.19 -9.65 -11.72
CA LEU A 114 3.25 -8.72 -12.11
C LEU A 114 2.68 -7.34 -12.37
N MET A 115 3.05 -6.38 -11.53
CA MET A 115 2.57 -5.01 -11.68
C MET A 115 3.65 -4.18 -12.37
N ALA A 116 3.51 -4.05 -13.68
CA ALA A 116 4.58 -3.49 -14.51
C ALA A 116 4.88 -2.02 -14.21
N GLY A 117 3.94 -1.36 -13.53
CA GLY A 117 4.17 0.03 -13.16
C GLY A 117 5.08 0.22 -11.96
N GLY A 118 5.37 -0.87 -11.25
CA GLY A 118 6.21 -0.78 -10.07
C GLY A 118 5.48 -0.20 -8.86
N ASP A 119 6.22 0.17 -7.82
CA ASP A 119 5.57 0.73 -6.63
C ASP A 119 5.15 2.18 -6.84
N LEU A 120 4.15 2.60 -6.08
CA LEU A 120 3.52 3.90 -6.29
C LEU A 120 4.46 5.06 -5.93
N LYS A 121 5.25 4.89 -4.88
CA LYS A 121 6.13 5.98 -4.47
C LYS A 121 7.14 6.27 -5.57
N SER A 122 7.78 5.23 -6.09
CA SER A 122 8.78 5.41 -7.14
C SER A 122 8.13 5.97 -8.40
N PHE A 123 6.90 5.54 -8.67
CA PHE A 123 6.19 6.00 -9.85
C PHE A 123 5.94 7.51 -9.79
N LEU A 124 5.46 7.97 -8.64
CA LEU A 124 5.14 9.38 -8.48
C LEU A 124 6.39 10.22 -8.66
N ARG A 125 7.49 9.81 -8.05
CA ARG A 125 8.73 10.58 -8.14
C ARG A 125 9.28 10.58 -9.57
N GLU A 126 9.17 9.44 -10.25
CA GLU A 126 9.71 9.32 -11.60
C GLU A 126 8.81 9.94 -12.67
N THR A 127 7.52 10.07 -12.37
CA THR A 127 6.55 10.48 -13.37
C THR A 127 6.04 11.91 -13.10
N ARG A 128 6.76 12.63 -12.24
CA ARG A 128 6.46 14.03 -11.96
C ARG A 128 6.53 14.87 -13.23
N PRO A 129 5.53 15.75 -13.44
CA PRO A 129 5.59 16.64 -14.61
C PRO A 129 6.85 17.49 -14.62
N ARG A 130 7.44 17.61 -15.81
CA ARG A 130 8.68 18.35 -15.99
C ARG A 130 8.65 19.04 -17.35
N PRO A 131 9.56 19.99 -17.59
CA PRO A 131 9.57 20.71 -18.86
C PRO A 131 9.61 19.75 -20.06
N SER A 132 10.32 18.65 -19.90
CA SER A 132 10.38 17.62 -20.93
C SER A 132 9.07 16.82 -21.01
N GLN A 133 8.57 16.42 -19.85
CA GLN A 133 7.31 15.69 -19.78
C GLN A 133 6.28 16.55 -19.03
N PRO A 134 5.78 17.60 -19.69
CA PRO A 134 4.91 18.60 -19.06
C PRO A 134 3.54 18.07 -18.65
N SER A 135 3.04 17.09 -19.39
CA SER A 135 1.71 16.54 -19.15
C SER A 135 1.80 15.06 -18.75
N SER A 136 2.83 14.71 -18.01
CA SER A 136 3.07 13.32 -17.63
C SER A 136 2.00 12.80 -16.67
N LEU A 137 1.46 13.70 -15.86
CA LEU A 137 0.42 13.33 -14.89
C LEU A 137 -0.54 14.50 -14.68
N ALA A 138 -1.81 14.18 -14.42
CA ALA A 138 -2.81 15.19 -14.11
C ALA A 138 -3.53 14.85 -12.82
N MET A 139 -4.34 15.79 -12.32
CA MET A 139 -5.07 15.58 -11.08
C MET A 139 -5.95 14.32 -11.15
N LEU A 140 -6.50 14.03 -12.32
CA LEU A 140 -7.40 12.89 -12.45
C LEU A 140 -6.63 11.58 -12.25
N ASP A 141 -5.38 11.53 -12.74
CA ASP A 141 -4.53 10.36 -12.53
C ASP A 141 -4.36 10.07 -11.05
N LEU A 142 -4.14 11.13 -10.28
CA LEU A 142 -3.93 10.99 -8.84
C LEU A 142 -5.20 10.58 -8.12
N LEU A 143 -6.32 11.17 -8.53
CA LEU A 143 -7.60 10.81 -7.92
C LEU A 143 -7.99 9.36 -8.24
N HIS A 144 -7.65 8.89 -9.43
CA HIS A 144 -7.91 7.49 -9.77
C HIS A 144 -7.07 6.53 -8.93
N VAL A 145 -5.82 6.88 -8.71
CA VAL A 145 -4.98 6.09 -7.80
C VAL A 145 -5.58 6.08 -6.40
N ALA A 146 -6.00 7.25 -5.92
CA ALA A 146 -6.56 7.36 -4.57
C ALA A 146 -7.82 6.50 -4.42
N ARG A 147 -8.71 6.59 -5.40
CA ARG A 147 -9.92 5.79 -5.43
C ARG A 147 -9.61 4.29 -5.42
N ASP A 148 -8.65 3.88 -6.26
CA ASP A 148 -8.29 2.46 -6.36
C ASP A 148 -7.87 1.90 -5.00
N ILE A 149 -6.96 2.59 -4.33
CA ILE A 149 -6.48 2.12 -3.04
C ILE A 149 -7.56 2.20 -1.97
N ALA A 150 -8.38 3.24 -2.01
CA ALA A 150 -9.50 3.36 -1.07
C ALA A 150 -10.48 2.20 -1.24
N CYS A 151 -10.64 1.72 -2.47
CA CYS A 151 -11.51 0.58 -2.74
C CYS A 151 -10.93 -0.68 -2.11
N GLY A 152 -9.61 -0.87 -2.27
CA GLY A 152 -8.92 -1.95 -1.60
C GLY A 152 -9.04 -1.86 -0.09
N CYS A 153 -8.92 -0.65 0.45
CA CYS A 153 -9.03 -0.46 1.89
C CYS A 153 -10.43 -0.75 2.39
N GLN A 154 -11.43 -0.39 1.59
CA GLN A 154 -12.82 -0.63 1.94
C GLN A 154 -13.07 -2.13 2.05
N TYR A 155 -12.48 -2.88 1.12
CA TYR A 155 -12.60 -4.34 1.12
C TYR A 155 -11.97 -4.94 2.38
N LEU A 156 -10.80 -4.43 2.77
CA LEU A 156 -10.17 -4.91 4.00
C LEU A 156 -11.04 -4.55 5.20
N GLU A 157 -11.56 -3.33 5.21
CA GLU A 157 -12.38 -2.86 6.32
C GLU A 157 -13.62 -3.73 6.49
N GLU A 158 -14.33 -3.98 5.40
CA GLU A 158 -15.57 -4.75 5.49
C GLU A 158 -15.29 -6.20 5.87
N ASN A 159 -14.04 -6.64 5.69
CA ASN A 159 -13.63 -7.96 6.13
C ASN A 159 -12.82 -7.95 7.43
N HIS A 160 -12.82 -6.81 8.11
CA HIS A 160 -12.26 -6.68 9.44
C HIS A 160 -10.77 -7.02 9.48
N PHE A 161 -10.07 -6.66 8.41
CA PHE A 161 -8.62 -6.83 8.35
C PHE A 161 -7.98 -5.45 8.45
N ILE A 162 -7.09 -5.28 9.42
CA ILE A 162 -6.41 -4.00 9.60
C ILE A 162 -5.03 -4.09 8.96
N HIS A 163 -4.77 -3.23 7.97
CA HIS A 163 -3.54 -3.34 7.21
C HIS A 163 -2.32 -2.89 8.01
N ARG A 164 -2.45 -1.75 8.68
CA ARG A 164 -1.44 -1.25 9.61
C ARG A 164 -0.28 -0.50 8.97
N ASP A 165 -0.18 -0.52 7.65
CA ASP A 165 0.90 0.20 6.98
C ASP A 165 0.51 0.68 5.58
N ILE A 166 -0.63 1.34 5.49
CA ILE A 166 -1.08 1.92 4.23
C ILE A 166 -0.20 3.12 3.85
N ALA A 167 0.62 2.93 2.83
CA ALA A 167 1.65 3.89 2.46
C ALA A 167 2.04 3.67 1.00
N ALA A 168 2.52 4.71 0.33
CA ALA A 168 2.75 4.65 -1.11
C ALA A 168 3.73 3.54 -1.48
N ARG A 169 4.70 3.28 -0.60
CA ARG A 169 5.73 2.28 -0.85
C ARG A 169 5.14 0.86 -0.91
N ASN A 170 3.94 0.71 -0.36
CA ASN A 170 3.29 -0.59 -0.29
C ASN A 170 2.18 -0.78 -1.33
N CYS A 171 2.10 0.15 -2.26
CA CYS A 171 1.15 0.08 -3.37
C CYS A 171 1.85 -0.14 -4.70
N LEU A 172 1.16 -0.80 -5.63
CA LEU A 172 1.71 -1.13 -6.94
C LEU A 172 0.80 -0.64 -8.06
N LEU A 173 1.36 -0.46 -9.25
CA LEU A 173 0.59 -0.05 -10.42
C LEU A 173 0.68 -1.10 -11.53
N THR A 174 -0.44 -1.37 -12.20
CA THR A 174 -0.47 -2.40 -13.23
C THR A 174 0.42 -2.02 -14.42
N CYS A 175 0.43 -0.73 -14.76
CA CYS A 175 1.25 -0.25 -15.86
C CYS A 175 1.56 1.24 -15.70
N PRO A 176 2.64 1.70 -16.33
CA PRO A 176 3.04 3.11 -16.27
C PRO A 176 1.99 4.04 -16.90
N GLY A 177 1.26 3.51 -17.87
CA GLY A 177 0.41 4.34 -18.71
C GLY A 177 -0.96 4.66 -18.14
N PRO A 178 -1.80 5.36 -18.92
CA PRO A 178 -3.06 5.99 -18.51
C PRO A 178 -4.11 5.05 -17.89
N GLY A 179 -4.17 3.81 -18.37
CA GLY A 179 -5.18 2.89 -17.86
C GLY A 179 -4.73 2.18 -16.61
N ARG A 180 -3.69 2.70 -15.97
CA ARG A 180 -3.08 2.03 -14.82
C ARG A 180 -4.11 1.82 -13.72
N VAL A 181 -3.97 0.72 -13.00
CA VAL A 181 -4.77 0.45 -11.81
C VAL A 181 -3.83 0.28 -10.61
N ALA A 182 -4.18 0.91 -9.49
CA ALA A 182 -3.38 0.81 -8.29
C ALA A 182 -3.95 -0.26 -7.36
N LYS A 183 -3.05 -0.99 -6.68
CA LYS A 183 -3.43 -2.08 -5.79
C LYS A 183 -2.52 -2.09 -4.57
N ILE A 184 -3.03 -2.59 -3.46
CA ILE A 184 -2.20 -2.82 -2.28
C ILE A 184 -1.36 -4.06 -2.53
N GLY A 185 -0.04 -3.94 -2.37
CA GLY A 185 0.84 -5.01 -2.80
C GLY A 185 1.69 -5.67 -1.73
N ASP A 186 1.71 -5.12 -0.53
CA ASP A 186 2.54 -5.64 0.56
C ASP A 186 1.76 -5.69 1.87
N PHE A 187 1.89 -6.79 2.59
CA PHE A 187 1.16 -6.99 3.85
C PHE A 187 2.10 -7.43 4.98
N GLY A 188 3.33 -6.92 4.95
CA GLY A 188 4.33 -7.40 5.88
C GLY A 188 4.09 -7.02 7.33
N MET A 189 3.57 -5.81 7.56
CA MET A 189 3.28 -5.38 8.92
C MET A 189 2.14 -6.21 9.51
N ALA A 190 1.07 -6.39 8.74
CA ALA A 190 -0.07 -7.16 9.20
C ALA A 190 0.37 -8.59 9.49
N ARG A 191 1.29 -9.11 8.69
CA ARG A 191 1.80 -10.46 8.87
C ARG A 191 2.60 -10.55 10.17
N ASP A 192 3.43 -9.54 10.44
CA ASP A 192 4.22 -9.51 11.67
C ASP A 192 3.31 -9.48 12.89
N ILE A 193 2.25 -8.69 12.83
CA ILE A 193 1.32 -8.57 13.94
C ILE A 193 0.51 -9.85 14.13
N TYR A 194 0.12 -10.47 13.02
CA TYR A 194 -0.57 -11.75 13.08
C TYR A 194 0.38 -12.78 13.71
N ARG A 195 1.67 -12.58 13.50
CA ARG A 195 2.72 -13.47 14.00
C ARG A 195 2.84 -14.73 13.15
N GLY A 202 11.92 -6.67 14.77
CA GLY A 202 11.10 -5.47 14.88
C GLY A 202 11.63 -4.51 15.94
N GLY A 203 11.11 -3.29 15.94
CA GLY A 203 11.55 -2.30 16.90
C GLY A 203 11.00 -0.91 16.62
N CYS A 204 11.25 0.01 17.55
CA CYS A 204 10.74 1.37 17.42
C CYS A 204 11.22 2.06 16.15
N ALA A 205 12.51 1.92 15.86
CA ALA A 205 13.11 2.65 14.75
C ALA A 205 12.56 2.21 13.39
N MET A 206 11.88 1.07 13.36
CA MET A 206 11.36 0.54 12.11
C MET A 206 9.86 0.76 11.93
N LEU A 207 9.17 1.15 12.99
CA LEU A 207 7.74 1.41 12.91
C LEU A 207 7.42 2.59 12.00
N PRO A 208 6.36 2.47 11.18
CA PRO A 208 5.96 3.51 10.24
C PRO A 208 5.28 4.67 10.96
N VAL A 209 6.00 5.30 11.87
CA VAL A 209 5.40 6.30 12.77
C VAL A 209 4.71 7.43 12.00
N LYS A 210 5.26 7.81 10.86
CA LYS A 210 4.74 8.94 10.11
C LYS A 210 3.40 8.63 9.44
N TRP A 211 3.01 7.36 9.49
CA TRP A 211 1.72 6.94 8.95
C TRP A 211 0.72 6.54 10.04
N MET A 212 1.10 6.68 11.31
CA MET A 212 0.28 6.18 12.41
C MET A 212 -0.48 7.26 13.19
N PRO A 213 -1.73 6.97 13.59
CA PRO A 213 -2.54 7.84 14.44
C PRO A 213 -2.07 7.83 15.90
N PRO A 214 -2.46 8.84 16.67
CA PRO A 214 -2.00 9.01 18.06
C PRO A 214 -2.29 7.81 18.97
N GLU A 215 -3.47 7.22 18.85
CA GLU A 215 -3.82 6.09 19.71
C GLU A 215 -3.03 4.85 19.32
N ALA A 216 -2.51 4.83 18.09
CA ALA A 216 -1.76 3.68 17.60
C ALA A 216 -0.40 3.59 18.26
N PHE A 217 0.38 4.66 18.17
CA PHE A 217 1.74 4.61 18.70
C PHE A 217 1.81 4.88 20.19
N MET A 218 0.69 5.30 20.79
CA MET A 218 0.63 5.53 22.23
C MET A 218 0.11 4.31 23.00
N GLU A 219 -1.13 3.93 22.76
CA GLU A 219 -1.76 2.83 23.51
C GLU A 219 -1.63 1.50 22.78
N GLY A 220 -1.10 1.53 21.56
CA GLY A 220 -1.01 0.31 20.78
C GLY A 220 -2.39 -0.22 20.42
N ILE A 221 -3.34 0.70 20.26
CA ILE A 221 -4.70 0.32 19.86
C ILE A 221 -4.87 0.47 18.36
N PHE A 222 -5.28 -0.61 17.71
CA PHE A 222 -5.53 -0.59 16.29
C PHE A 222 -6.96 -0.97 15.97
N THR A 223 -7.58 -0.20 15.09
CA THR A 223 -8.91 -0.50 14.57
C THR A 223 -8.93 -0.14 13.09
N SER A 224 -10.09 -0.29 12.46
CA SER A 224 -10.23 0.12 11.07
C SER A 224 -9.87 1.59 10.88
N LYS A 225 -10.09 2.40 11.91
CA LYS A 225 -9.83 3.83 11.81
C LYS A 225 -8.34 4.14 11.82
N THR A 226 -7.54 3.15 12.18
CA THR A 226 -6.09 3.24 12.04
C THR A 226 -5.75 3.41 10.56
N ASP A 227 -6.35 2.56 9.73
CA ASP A 227 -6.09 2.59 8.29
C ASP A 227 -6.63 3.87 7.67
N THR A 228 -7.73 4.42 8.19
CA THR A 228 -8.19 5.72 7.71
C THR A 228 -7.13 6.79 7.89
N TRP A 229 -6.50 6.85 9.06
CA TRP A 229 -5.47 7.86 9.29
C TRP A 229 -4.33 7.66 8.29
N SER A 230 -3.88 6.43 8.14
CA SER A 230 -2.78 6.15 7.23
C SER A 230 -3.15 6.52 5.80
N PHE A 231 -4.39 6.26 5.41
CA PHE A 231 -4.82 6.61 4.06
C PHE A 231 -4.71 8.11 3.83
N GLY A 232 -5.05 8.90 4.85
CA GLY A 232 -4.85 10.33 4.78
C GLY A 232 -3.42 10.71 4.44
N VAL A 233 -2.46 10.03 5.07
CA VAL A 233 -1.06 10.28 4.80
C VAL A 233 -0.71 9.84 3.38
N LEU A 234 -1.26 8.70 2.95
CA LEU A 234 -1.08 8.23 1.58
C LEU A 234 -1.59 9.27 0.58
N LEU A 235 -2.74 9.86 0.88
CA LEU A 235 -3.32 10.89 0.03
C LEU A 235 -2.36 12.06 -0.11
N TRP A 236 -1.69 12.41 0.99
CA TRP A 236 -0.71 13.49 0.97
C TRP A 236 0.48 13.08 0.11
N GLU A 237 0.93 11.84 0.26
CA GLU A 237 2.00 11.31 -0.57
C GLU A 237 1.66 11.40 -2.06
N ILE A 238 0.43 11.02 -2.40
CA ILE A 238 0.01 11.01 -3.79
C ILE A 238 -0.02 12.43 -4.36
N PHE A 239 -0.62 13.37 -3.64
CA PHE A 239 -0.77 14.71 -4.19
C PHE A 239 0.48 15.59 -4.05
N SER A 240 1.42 15.15 -3.22
CA SER A 240 2.74 15.78 -3.20
C SER A 240 3.61 15.23 -4.32
N LEU A 241 3.11 14.20 -4.99
CA LEU A 241 3.88 13.47 -6.01
C LEU A 241 5.11 12.79 -5.44
N GLY A 242 4.93 12.15 -4.29
CA GLY A 242 5.95 11.21 -3.81
C GLY A 242 6.94 11.74 -2.81
N TYR A 243 6.64 12.88 -2.18
CA TYR A 243 7.47 13.37 -1.08
C TYR A 243 7.32 12.53 0.17
N MET A 244 8.38 12.50 0.98
CA MET A 244 8.31 11.91 2.31
C MET A 244 7.44 12.81 3.19
N PRO A 245 6.50 12.21 3.93
CA PRO A 245 5.62 12.99 4.82
C PRO A 245 6.36 13.76 5.91
N TYR A 246 5.74 14.85 6.36
CA TYR A 246 6.30 15.72 7.40
C TYR A 246 7.72 16.13 7.08
N PRO A 247 7.88 16.90 5.99
CA PRO A 247 9.21 17.31 5.52
C PRO A 247 10.07 17.88 6.63
N SER A 248 11.29 17.35 6.74
CA SER A 248 12.31 17.83 7.68
C SER A 248 12.10 17.33 9.10
N LYS A 249 11.04 16.57 9.33
CA LYS A 249 10.76 16.04 10.66
C LYS A 249 11.22 14.60 10.84
N SER A 250 11.87 14.33 11.97
CA SER A 250 12.22 12.98 12.37
C SER A 250 11.00 12.25 12.94
N ASN A 251 11.13 10.95 13.15
CA ASN A 251 10.04 10.15 13.70
C ASN A 251 9.54 10.68 15.04
N GLN A 252 10.45 11.00 15.95
CA GLN A 252 10.03 11.48 17.26
C GLN A 252 9.41 12.87 17.16
N GLU A 253 9.95 13.69 16.27
CA GLU A 253 9.40 15.02 16.06
C GLU A 253 7.98 14.94 15.51
N VAL A 254 7.73 13.98 14.62
CA VAL A 254 6.39 13.79 14.09
C VAL A 254 5.47 13.29 15.20
N LEU A 255 5.97 12.35 16.00
CA LEU A 255 5.19 11.81 17.09
C LEU A 255 4.69 12.92 18.01
N GLU A 256 5.56 13.84 18.38
CA GLU A 256 5.18 14.94 19.28
C GLU A 256 4.30 15.96 18.57
N PHE A 257 4.58 16.18 17.28
CA PHE A 257 3.83 17.11 16.46
C PHE A 257 2.37 16.65 16.36
N VAL A 258 2.17 15.42 15.92
CA VAL A 258 0.83 14.87 15.72
C VAL A 258 0.07 14.71 17.05
N THR A 259 0.78 14.31 18.09
CA THR A 259 0.15 14.10 19.39
C THR A 259 -0.37 15.42 19.96
N SER A 260 0.25 16.52 19.55
CA SER A 260 -0.14 17.84 20.02
C SER A 260 -1.14 18.52 19.10
N GLY A 261 -1.61 17.80 18.08
CA GLY A 261 -2.61 18.36 17.18
C GLY A 261 -2.07 18.86 15.85
N GLY A 262 -0.76 18.76 15.68
CA GLY A 262 -0.15 19.24 14.45
C GLY A 262 -0.50 18.38 13.26
N ARG A 263 -0.72 19.03 12.11
CA ARG A 263 -1.00 18.30 10.87
C ARG A 263 -0.22 18.89 9.70
N MET A 264 -0.01 18.07 8.67
CA MET A 264 0.68 18.54 7.47
C MET A 264 -0.09 19.63 6.75
N ASP A 265 0.65 20.55 6.12
CA ASP A 265 0.07 21.53 5.22
C ASP A 265 -0.37 20.82 3.94
N PRO A 266 -1.20 21.49 3.13
CA PRO A 266 -1.53 20.94 1.81
C PRO A 266 -0.29 20.77 0.94
N PRO A 267 -0.20 19.68 0.17
CA PRO A 267 0.83 19.56 -0.86
C PRO A 267 0.72 20.71 -1.86
N LYS A 268 1.81 20.97 -2.59
CA LYS A 268 1.83 22.06 -3.55
C LYS A 268 0.69 21.93 -4.55
N ASN A 269 -0.11 22.99 -4.67
CA ASN A 269 -1.20 23.06 -5.65
C ASN A 269 -2.38 22.15 -5.34
N CYS A 270 -2.41 21.58 -4.14
CA CYS A 270 -3.47 20.66 -3.79
C CYS A 270 -4.83 21.35 -3.71
N PRO A 271 -5.84 20.84 -4.44
CA PRO A 271 -7.20 21.39 -4.37
C PRO A 271 -7.76 21.32 -2.96
N GLY A 272 -8.45 22.36 -2.54
CA GLY A 272 -9.02 22.40 -1.21
C GLY A 272 -9.87 21.19 -0.86
N PRO A 273 -10.75 20.73 -1.78
CA PRO A 273 -11.58 19.57 -1.49
C PRO A 273 -10.78 18.30 -1.19
N VAL A 274 -9.63 18.17 -1.83
CA VAL A 274 -8.76 17.02 -1.59
C VAL A 274 -8.06 17.14 -0.23
N TYR A 275 -7.55 18.33 0.08
CA TYR A 275 -6.89 18.55 1.36
C TYR A 275 -7.89 18.28 2.49
N ARG A 276 -9.16 18.63 2.24
CA ARG A 276 -10.20 18.46 3.24
C ARG A 276 -10.43 16.98 3.58
N ILE A 277 -10.24 16.10 2.59
CA ILE A 277 -10.32 14.67 2.86
C ILE A 277 -9.18 14.26 3.77
N MET A 278 -7.98 14.74 3.48
CA MET A 278 -6.83 14.46 4.34
C MET A 278 -7.10 14.86 5.79
N THR A 279 -7.63 16.06 5.99
CA THR A 279 -7.77 16.58 7.35
C THR A 279 -8.87 15.84 8.12
N GLN A 280 -9.84 15.29 7.40
CA GLN A 280 -10.86 14.45 8.02
C GLN A 280 -10.30 13.08 8.42
N CYS A 281 -9.39 12.55 7.61
CA CYS A 281 -8.72 11.29 7.93
C CYS A 281 -7.85 11.42 9.18
N TRP A 282 -7.37 12.64 9.43
CA TRP A 282 -6.45 12.91 10.54
C TRP A 282 -7.15 13.50 11.77
N GLN A 283 -8.45 13.24 11.93
CA GLN A 283 -9.12 13.67 13.15
C GLN A 283 -8.55 12.94 14.35
N HIS A 284 -8.34 13.64 15.46
CA HIS A 284 -7.72 13.04 16.63
C HIS A 284 -8.49 11.83 17.16
N GLN A 285 -9.81 11.99 17.30
CA GLN A 285 -10.68 10.91 17.75
C GLN A 285 -11.01 9.98 16.58
N PRO A 286 -10.72 8.68 16.72
CA PRO A 286 -11.01 7.76 15.62
C PRO A 286 -12.48 7.74 15.20
N GLU A 287 -13.38 7.90 16.17
CA GLU A 287 -14.80 7.97 15.85
C GLU A 287 -15.14 9.14 14.94
N ASP A 288 -14.32 10.18 14.95
CA ASP A 288 -14.54 11.36 14.12
C ASP A 288 -13.99 11.21 12.69
N ARG A 289 -13.21 10.16 12.46
CA ARG A 289 -12.65 9.93 11.13
C ARG A 289 -13.62 9.12 10.28
N PRO A 290 -13.65 9.38 8.96
CA PRO A 290 -14.57 8.70 8.04
C PRO A 290 -14.18 7.24 7.82
N ASN A 291 -15.17 6.38 7.62
CA ASN A 291 -14.89 5.03 7.13
C ASN A 291 -14.61 5.11 5.62
N PHE A 292 -14.23 4.01 5.00
CA PHE A 292 -13.79 4.09 3.62
C PHE A 292 -14.92 4.27 2.62
N ALA A 293 -16.12 3.87 3.00
CA ALA A 293 -17.29 4.18 2.17
C ALA A 293 -17.39 5.69 1.98
N ILE A 294 -17.28 6.44 3.08
CA ILE A 294 -17.37 7.89 3.04
C ILE A 294 -16.18 8.51 2.30
N ILE A 295 -14.98 7.98 2.54
CA ILE A 295 -13.81 8.44 1.82
C ILE A 295 -13.99 8.27 0.31
N LEU A 296 -14.48 7.11 -0.12
CA LEU A 296 -14.71 6.85 -1.54
C LEU A 296 -15.73 7.84 -2.13
N GLU A 297 -16.80 8.11 -1.37
CA GLU A 297 -17.79 9.07 -1.80
C GLU A 297 -17.18 10.45 -2.02
N ARG A 298 -16.28 10.85 -1.13
CA ARG A 298 -15.66 12.16 -1.20
C ARG A 298 -14.65 12.24 -2.33
N ILE A 299 -13.92 11.15 -2.56
CA ILE A 299 -13.00 11.09 -3.69
C ILE A 299 -13.79 11.18 -5.00
N GLU A 300 -14.93 10.51 -5.03
CA GLU A 300 -15.78 10.54 -6.22
C GLU A 300 -16.25 11.96 -6.52
N TYR A 301 -16.67 12.69 -5.49
CA TYR A 301 -17.19 14.04 -5.68
C TYR A 301 -16.08 14.98 -6.15
N CYS A 302 -14.88 14.78 -5.63
CA CYS A 302 -13.71 15.53 -6.11
C CYS A 302 -13.46 15.29 -7.60
N THR A 303 -13.62 14.04 -8.04
CA THR A 303 -13.31 13.69 -9.42
C THR A 303 -14.32 14.31 -10.37
N GLN A 304 -15.52 14.58 -9.87
CA GLN A 304 -16.58 15.20 -10.67
C GLN A 304 -16.41 16.71 -10.80
N ASP A 305 -15.73 17.31 -9.83
CA ASP A 305 -15.61 18.77 -9.71
C ASP A 305 -14.57 19.32 -10.67
N PRO A 306 -14.99 20.08 -11.69
CA PRO A 306 -14.05 20.60 -12.70
C PRO A 306 -12.93 21.45 -12.10
N ASP A 307 -13.26 22.21 -11.06
CA ASP A 307 -12.27 23.07 -10.41
C ASP A 307 -11.17 22.24 -9.76
N VAL A 308 -11.50 21.03 -9.32
CA VAL A 308 -10.48 20.14 -8.81
C VAL A 308 -9.65 19.56 -9.95
N ILE A 309 -10.31 18.92 -10.91
CA ILE A 309 -9.55 18.16 -11.91
C ILE A 309 -8.90 19.04 -12.97
N ASN A 310 -9.33 20.29 -13.07
CA ASN A 310 -8.70 21.24 -13.98
C ASN A 310 -7.51 21.96 -13.35
N THR A 311 -7.20 21.63 -12.10
CA THR A 311 -6.05 22.22 -11.44
C THR A 311 -4.76 21.60 -11.94
N ALA A 312 -3.82 22.43 -12.37
CA ALA A 312 -2.54 21.97 -12.87
C ALA A 312 -1.61 21.56 -11.73
N LEU A 313 -0.95 20.42 -11.89
CA LEU A 313 0.09 20.01 -10.96
C LEU A 313 1.33 20.84 -11.21
N PRO A 314 2.17 21.04 -10.17
CA PRO A 314 3.41 21.79 -10.34
C PRO A 314 4.34 21.11 -11.34
N ILE A 315 5.05 21.91 -12.12
CA ILE A 315 6.07 21.36 -13.00
C ILE A 315 7.44 21.54 -12.36
N GLU A 316 8.09 20.42 -12.07
CA GLU A 316 9.38 20.44 -11.40
C GLU A 316 10.47 20.76 -12.40
N TYR A 317 11.23 21.82 -12.12
CA TYR A 317 12.23 22.28 -13.06
C TYR A 317 13.49 21.43 -12.99
N GLY A 318 14.22 21.37 -14.00
C1 KVC B . 5.78 -6.72 -7.02
C2 KVC B . 4.74 -7.14 -7.88
N3 KVC B . 4.64 -6.59 -9.12
C4 KVC B . 5.57 -5.66 -9.50
C5 KVC B . 6.61 -5.23 -8.67
N6 KVC B . 6.72 -5.77 -7.41
O7 KVC B . 5.81 -7.30 -5.77
C8 KVC B . 6.84 -6.91 -4.84
C9 KVC B . 6.57 -5.53 -4.21
C10 KVC B . 7.54 -4.47 -4.19
C11 KVC B . 7.25 -3.20 -3.60
C12 KVC B . 5.99 -2.96 -3.01
C13 KVC B . 5.02 -3.99 -3.02
C14 KVC B . 5.28 -5.25 -3.61
C15 KVC B . 8.91 -4.63 -4.77
F16 KVC B . 3.83 -3.76 -2.48
N17 KVC B . 3.79 -8.08 -7.47
C18 KVC B . 6.88 -8.00 -3.76
C19 KVC B . 8.33 -4.13 -12.74
C20 KVC B . 9.33 -3.04 -12.66
C21 KVC B . 9.67 -2.46 -11.47
C22 KVC B . 9.05 -2.91 -10.25
N23 KVC B . 8.10 -3.96 -10.34
C24 KVC B . 7.76 -4.54 -11.60
N25 KVC B . 9.21 -2.53 -9.01
C26 KVC B . 8.36 -3.30 -8.25
C27 KVC B . 7.63 -4.22 -9.04
C28 KVC B . 7.98 -4.73 -13.96
N29 KVC B . 7.65 -5.25 -14.95
C30 KVC B . 8.35 -3.05 -6.78
N31 KVC B . 9.26 -3.94 -5.98
C32 KVC B . 10.64 -4.12 -6.47
O33 KVC B . 9.67 -5.35 -4.12
#